data_6IUO
#
_entry.id   6IUO
#
_cell.length_a   138.716
_cell.length_b   138.716
_cell.length_c   49.814
_cell.angle_alpha   90.00
_cell.angle_beta   90.00
_cell.angle_gamma   120.00
#
_symmetry.space_group_name_H-M   'H 3'
#
loop_
_entity.id
_entity.type
_entity.pdbx_description
1 polymer 'Fibroblast growth factor receptor 4'
2 non-polymer N-({4-[4-amino-3-(3,5-dimethyl-1-benzofuran-2-yl)-7-oxo-6,7-dihydro-2H-pyrazolo[3,4-d]pyridazin-2-yl]phenyl}methyl)prop-2-enamide
3 water water
#
_entity_poly.entity_id   1
_entity_poly.type   'polypeptide(L)'
_entity_poly.pdbx_seq_one_letter_code
;MGSSHHHHHHSSGLLAGLVSLDLPLDPLWEFPRDRLVLGKPLGEGCFGQVVRAEAFGMDPARPDQASTVAVKMLKDNASD
KDLADLVSEMEVMKLIGRHKNIINLLGVCTQEGPLYVIVECAAKGNLREFLRARRPPGPDLSPDGPRSSEGPLSFPVLVS
CAYQVARGMQYLESRKCIHRDLAARNVLVTEDNVMKIADFGLARGVHHIDYYKKTSNGRLPVKWMAPEALFDEVYTHQSD
VWSFGILLWEIFTLGGSPYPGIPVEELFSLLREGHRMDRPPHCPPELYGLMRECWHAAPSQRPTFKQLVEALDKVLLAVS
EE
;
_entity_poly.pdbx_strand_id   A
#
loop_
_chem_comp.id
_chem_comp.type
_chem_comp.name
_chem_comp.formula
AWX non-polymer N-({4-[4-amino-3-(3,5-dimethyl-1-benzofuran-2-yl)-7-oxo-6,7-dihydro-2H-pyrazolo[3,4-d]pyridazin-2-yl]phenyl}methyl)prop-2-enamide 'C25 H22 N6 O3'
#
# COMPACT_ATOMS: atom_id res chain seq x y z
N GLY A 13 -4.69 22.02 24.80
CA GLY A 13 -4.33 21.22 23.58
C GLY A 13 -2.95 21.62 23.06
N LEU A 14 -2.19 20.66 22.53
CA LEU A 14 -0.88 20.95 21.90
C LEU A 14 -0.97 21.93 20.73
N LEU A 15 -1.82 21.60 19.77
CA LEU A 15 -2.05 22.44 18.61
C LEU A 15 -2.79 23.75 18.94
N ALA A 16 -3.81 23.65 19.80
CA ALA A 16 -4.56 24.83 20.26
C ALA A 16 -3.65 25.90 20.88
N GLY A 17 -2.74 25.48 21.76
CA GLY A 17 -1.92 26.39 22.57
C GLY A 17 -0.58 26.90 22.05
N LEU A 18 0.03 26.20 21.07
CA LEU A 18 1.41 26.49 20.64
C LEU A 18 1.50 27.43 19.42
N VAL A 19 2.35 28.46 19.55
CA VAL A 19 2.69 29.36 18.45
C VAL A 19 3.66 28.63 17.51
N SER A 20 4.52 27.80 18.10
CA SER A 20 5.48 26.95 17.39
C SER A 20 5.49 25.61 18.10
N LEU A 21 5.60 24.57 17.30
CA LEU A 21 5.52 23.20 17.77
C LEU A 21 6.92 22.58 17.69
N ASP A 22 7.57 22.40 18.84
CA ASP A 22 8.98 22.02 18.88
C ASP A 22 9.25 20.53 18.68
N LEU A 23 8.93 20.02 17.50
CA LEU A 23 9.32 18.68 17.13
C LEU A 23 10.81 18.62 16.90
N PRO A 24 11.43 17.48 17.24
CA PRO A 24 12.87 17.41 17.13
C PRO A 24 13.39 17.35 15.67
N LEU A 25 14.54 17.97 15.46
CA LEU A 25 15.17 17.99 14.20
C LEU A 25 15.87 16.65 14.05
N ASP A 26 15.49 15.94 13.00
CA ASP A 26 16.17 14.76 12.55
C ASP A 26 16.79 15.11 11.18
N PRO A 27 18.11 15.28 11.13
CA PRO A 27 18.79 15.74 9.92
C PRO A 27 18.91 14.72 8.81
N LEU A 28 18.64 13.45 9.12
CA LEU A 28 18.58 12.44 8.06
C LEU A 28 17.47 12.78 7.09
N TRP A 29 16.37 13.34 7.60
CA TRP A 29 15.14 13.50 6.86
C TRP A 29 14.68 14.92 6.59
N GLU A 30 15.09 15.89 7.41
CA GLU A 30 14.57 17.27 7.26
C GLU A 30 14.86 17.78 5.85
N PHE A 31 13.86 18.38 5.24
CA PHE A 31 13.92 18.78 3.88
C PHE A 31 13.59 20.29 3.84
N PRO A 32 14.42 21.09 3.12
CA PRO A 32 14.26 22.55 3.12
C PRO A 32 13.00 23.02 2.51
N ARG A 33 12.20 23.73 3.30
CA ARG A 33 10.92 24.26 2.84
C ARG A 33 10.98 25.15 1.60
N ASP A 34 12.06 25.90 1.40
CA ASP A 34 12.22 26.66 0.14
C ASP A 34 12.38 25.79 -1.14
N ARG A 35 12.66 24.49 -1.00
CA ARG A 35 12.79 23.58 -2.13
C ARG A 35 11.49 22.85 -2.48
N LEU A 36 10.38 23.26 -1.86
CA LEU A 36 9.13 22.52 -1.97
C LEU A 36 7.97 23.46 -2.37
N VAL A 37 7.28 23.15 -3.47
CA VAL A 37 6.14 23.94 -4.00
C VAL A 37 4.84 23.09 -3.96
N LEU A 38 3.99 23.40 -3.01
CA LEU A 38 2.71 22.77 -2.84
C LEU A 38 1.79 22.97 -4.08
N GLY A 39 1.09 21.89 -4.49
CA GLY A 39 0.18 21.88 -5.68
C GLY A 39 -1.27 21.47 -5.33
N LYS A 40 -1.96 20.75 -6.21
CA LYS A 40 -3.41 20.47 -6.05
C LYS A 40 -3.63 19.21 -5.22
N PRO A 41 -4.84 19.03 -4.64
CA PRO A 41 -5.11 17.84 -3.84
C PRO A 41 -4.84 16.55 -4.56
N LEU A 42 -4.58 15.55 -3.74
CA LEU A 42 -4.23 14.25 -4.20
C LEU A 42 -5.25 13.26 -3.67
N GLY A 43 -6.49 13.71 -3.54
CA GLY A 43 -7.61 12.80 -3.48
C GLY A 43 -8.82 13.48 -4.07
N GLU A 44 -9.97 12.88 -3.81
CA GLU A 44 -11.25 13.56 -3.97
C GLU A 44 -11.30 14.71 -2.95
N GLY A 45 -11.82 14.45 -1.73
CA GLY A 45 -12.01 15.50 -0.71
C GLY A 45 -10.81 15.70 0.21
N CYS A 46 -9.62 15.77 -0.38
CA CYS A 46 -8.33 15.72 0.34
C CYS A 46 -7.57 17.05 0.41
N PHE A 47 -8.25 18.13 -0.03
CA PHE A 47 -7.74 19.51 0.09
C PHE A 47 -7.33 19.75 1.54
N GLY A 48 -6.21 20.44 1.73
CA GLY A 48 -5.68 20.71 3.07
C GLY A 48 -5.15 19.47 3.82
N GLN A 49 -5.06 18.29 3.17
CA GLN A 49 -4.65 17.03 3.83
C GLN A 49 -3.52 16.32 3.06
N VAL A 50 -3.77 15.89 1.82
CA VAL A 50 -2.78 15.25 0.98
C VAL A 50 -2.78 15.94 -0.34
N VAL A 51 -1.63 16.49 -0.74
CA VAL A 51 -1.52 17.19 -2.02
C VAL A 51 -0.33 16.79 -2.82
N ARG A 52 -0.43 17.05 -4.12
CA ARG A 52 0.71 17.02 -5.05
C ARG A 52 1.64 18.17 -4.75
N ALA A 53 2.91 18.02 -5.06
CA ALA A 53 3.87 19.13 -4.97
C ALA A 53 5.05 18.87 -5.89
N GLU A 54 5.90 19.87 -6.05
CA GLU A 54 7.15 19.71 -6.77
C GLU A 54 8.24 19.93 -5.77
N ALA A 55 9.26 19.09 -5.83
CA ALA A 55 10.38 19.17 -4.94
C ALA A 55 11.69 19.21 -5.75
N PHE A 56 12.58 20.12 -5.35
CA PHE A 56 13.79 20.40 -6.10
C PHE A 56 14.99 19.83 -5.43
N GLY A 57 15.81 19.12 -6.21
CA GLY A 57 17.09 18.59 -5.73
C GLY A 57 17.01 17.41 -4.78
N MET A 58 16.70 16.22 -5.30
CA MET A 58 16.86 14.96 -4.53
C MET A 58 17.01 13.78 -5.46
N ALA A 61 21.68 14.66 -3.80
CA ALA A 61 20.67 14.93 -4.80
C ALA A 61 21.24 15.21 -6.20
N ARG A 62 20.47 14.89 -7.26
CA ARG A 62 20.69 15.47 -8.61
C ARG A 62 20.11 16.91 -8.65
N PRO A 63 20.94 17.94 -8.32
CA PRO A 63 20.41 19.22 -7.80
C PRO A 63 20.05 20.29 -8.85
N ASP A 64 19.28 21.28 -8.39
CA ASP A 64 18.61 22.27 -9.23
C ASP A 64 17.47 21.69 -10.11
N GLN A 65 17.22 20.37 -10.05
CA GLN A 65 16.16 19.63 -10.82
C GLN A 65 14.89 19.22 -10.01
N ALA A 66 13.71 19.39 -10.63
CA ALA A 66 12.40 19.15 -9.99
C ALA A 66 11.82 17.74 -10.26
N SER A 67 11.14 17.19 -9.27
CA SER A 67 10.36 15.96 -9.38
C SER A 67 9.02 16.17 -8.70
N THR A 68 8.02 15.40 -9.08
CA THR A 68 6.71 15.49 -8.43
C THR A 68 6.66 14.57 -7.20
N VAL A 69 6.15 15.08 -6.08
CA VAL A 69 6.06 14.29 -4.86
C VAL A 69 4.67 14.42 -4.29
N ALA A 70 4.41 13.66 -3.23
CA ALA A 70 3.17 13.76 -2.44
C ALA A 70 3.43 14.20 -1.05
N VAL A 71 2.49 14.94 -0.49
CA VAL A 71 2.71 15.64 0.76
C VAL A 71 1.52 15.54 1.67
N LYS A 72 1.71 15.10 2.91
CA LYS A 72 0.62 15.10 3.89
C LYS A 72 0.85 16.15 4.98
N MET A 73 -0.24 16.70 5.47
CA MET A 73 -0.20 17.83 6.35
C MET A 73 -1.42 17.67 7.19
N LEU A 74 -1.56 18.51 8.18
CA LEU A 74 -2.73 18.45 9.03
C LEU A 74 -3.82 19.36 8.57
N LYS A 75 -5.04 18.85 8.57
CA LYS A 75 -6.21 19.61 8.11
C LYS A 75 -6.39 20.77 9.07
N ASP A 76 -6.99 21.87 8.63
CA ASP A 76 -7.01 23.05 9.50
C ASP A 76 -7.71 22.85 10.86
N ASN A 77 -8.51 21.78 10.94
CA ASN A 77 -9.30 21.41 12.12
C ASN A 77 -8.70 20.23 12.89
N ALA A 78 -7.40 19.96 12.70
CA ALA A 78 -6.75 18.74 13.22
C ALA A 78 -6.68 18.73 14.77
N SER A 79 -6.89 17.56 15.36
CA SER A 79 -6.72 17.39 16.78
C SER A 79 -5.28 16.91 17.07
N ASP A 80 -4.88 17.04 18.34
CA ASP A 80 -3.70 16.41 18.90
C ASP A 80 -3.52 14.96 18.45
N LYS A 81 -4.60 14.19 18.46
CA LYS A 81 -4.61 12.83 17.94
C LYS A 81 -4.15 12.80 16.45
N ASP A 82 -4.61 13.74 15.62
CA ASP A 82 -4.22 13.75 14.21
C ASP A 82 -2.77 14.06 14.07
N LEU A 83 -2.27 14.96 14.91
CA LEU A 83 -0.83 15.24 14.98
C LEU A 83 -0.04 13.99 15.35
N ALA A 84 -0.46 13.30 16.41
CA ALA A 84 0.20 12.05 16.82
C ALA A 84 0.20 11.04 15.70
N ASP A 85 -0.93 10.87 15.02
CA ASP A 85 -1.05 9.83 13.95
C ASP A 85 -0.07 10.14 12.87
N LEU A 86 0.05 11.42 12.51
CA LEU A 86 0.93 11.80 11.42
C LEU A 86 2.42 11.64 11.76
N VAL A 87 2.78 11.98 13.00
CA VAL A 87 4.12 11.79 13.52
C VAL A 87 4.41 10.30 13.59
N SER A 88 3.50 9.54 14.16
CA SER A 88 3.72 8.06 14.21
C SER A 88 4.02 7.42 12.86
N GLU A 89 3.16 7.72 11.90
CA GLU A 89 3.33 7.30 10.51
C GLU A 89 4.66 7.76 9.88
N MET A 90 5.00 9.04 10.09
CA MET A 90 6.32 9.56 9.66
C MET A 90 7.43 8.72 10.28
N GLU A 91 7.34 8.46 11.59
CA GLU A 91 8.40 7.72 12.31
C GLU A 91 8.52 6.27 11.85
N VAL A 92 7.39 5.61 11.61
CA VAL A 92 7.44 4.25 11.10
C VAL A 92 8.15 4.19 9.72
N MET A 93 7.79 5.13 8.85
CA MET A 93 8.45 5.22 7.52
C MET A 93 9.96 5.51 7.57
N LYS A 94 10.41 6.24 8.61
CA LYS A 94 11.88 6.41 8.83
C LYS A 94 12.63 5.05 9.01
N LEU A 95 12.03 4.12 9.72
CA LEU A 95 12.72 2.87 10.09
C LEU A 95 12.78 1.84 9.00
N ILE A 96 11.85 1.89 8.05
CA ILE A 96 11.61 0.75 7.20
C ILE A 96 12.64 0.66 6.12
N GLY A 97 13.13 1.79 5.66
CA GLY A 97 14.14 1.75 4.59
C GLY A 97 13.48 1.82 3.25
N ARG A 98 14.30 1.76 2.22
CA ARG A 98 13.92 2.14 0.89
C ARG A 98 13.72 0.88 0.02
N HIS A 99 12.64 0.82 -0.76
CA HIS A 99 12.49 -0.26 -1.77
C HIS A 99 11.68 0.27 -2.91
N LYS A 100 12.08 -0.13 -4.11
CA LYS A 100 11.40 0.18 -5.39
C LYS A 100 9.87 -0.10 -5.39
N ASN A 101 9.39 -1.08 -4.64
CA ASN A 101 7.96 -1.40 -4.67
C ASN A 101 7.19 -1.01 -3.40
N ILE A 102 7.67 0.03 -2.75
CA ILE A 102 6.92 0.70 -1.69
C ILE A 102 6.93 2.24 -1.94
N ILE A 103 5.95 2.93 -1.33
CA ILE A 103 5.90 4.39 -1.36
C ILE A 103 6.95 4.81 -0.34
N ASN A 104 8.09 5.32 -0.80
CA ASN A 104 9.23 5.70 0.07
C ASN A 104 9.02 7.10 0.64
N LEU A 105 9.37 7.29 1.89
CA LEU A 105 9.52 8.60 2.48
C LEU A 105 10.68 9.32 1.81
N LEU A 106 10.44 10.56 1.38
CA LEU A 106 11.50 11.40 0.79
C LEU A 106 12.06 12.52 1.70
N GLY A 107 11.27 12.97 2.66
CA GLY A 107 11.71 13.99 3.59
C GLY A 107 10.56 14.48 4.44
N VAL A 108 10.86 15.34 5.41
CA VAL A 108 9.87 15.90 6.36
C VAL A 108 10.15 17.38 6.53
N CYS A 109 9.14 18.21 6.74
CA CYS A 109 9.37 19.59 7.21
C CYS A 109 8.79 19.73 8.59
N THR A 110 9.63 19.82 9.61
CA THR A 110 9.21 19.87 11.02
C THR A 110 9.65 21.18 11.76
N GLN A 111 10.67 21.83 11.23
CA GLN A 111 11.27 23.01 11.85
C GLN A 111 10.76 24.26 11.18
N GLU A 112 10.41 25.25 11.99
CA GLU A 112 10.15 26.61 11.51
C GLU A 112 8.94 26.67 10.59
N GLY A 113 7.88 25.89 10.90
CA GLY A 113 6.60 25.93 10.16
C GLY A 113 5.67 24.71 10.21
N PRO A 114 4.65 24.68 9.38
CA PRO A 114 3.73 23.53 9.34
C PRO A 114 4.38 22.16 9.10
N LEU A 115 3.74 21.13 9.62
CA LEU A 115 4.26 19.80 9.53
C LEU A 115 3.95 19.22 8.17
N TYR A 116 4.97 18.90 7.42
CA TYR A 116 4.85 18.24 6.13
C TYR A 116 5.57 16.90 6.17
N VAL A 117 4.88 15.89 5.62
CA VAL A 117 5.48 14.57 5.35
C VAL A 117 5.46 14.32 3.86
N ILE A 118 6.64 14.14 3.29
CA ILE A 118 6.78 14.14 1.86
C ILE A 118 7.10 12.74 1.36
N VAL A 119 6.30 12.18 0.45
CA VAL A 119 6.55 10.83 -0.07
C VAL A 119 6.59 10.80 -1.61
N GLU A 120 7.01 9.66 -2.16
CA GLU A 120 6.97 9.47 -3.62
C GLU A 120 5.55 9.62 -4.11
N CYS A 121 5.35 10.24 -5.27
CA CYS A 121 4.03 10.31 -5.89
C CYS A 121 3.93 9.28 -6.99
N ALA A 122 2.93 8.42 -6.93
CA ALA A 122 2.70 7.47 -8.07
C ALA A 122 1.60 8.08 -8.95
N ALA A 123 1.97 8.54 -10.15
CA ALA A 123 1.10 9.34 -10.98
C ALA A 123 -0.28 8.71 -11.31
N LYS A 124 -0.35 7.36 -11.41
CA LYS A 124 -1.57 6.68 -11.87
C LYS A 124 -2.57 6.23 -10.83
N GLY A 125 -2.39 6.62 -9.57
CA GLY A 125 -3.31 6.21 -8.50
C GLY A 125 -3.20 4.75 -8.03
N ASN A 126 -4.22 4.35 -7.28
CA ASN A 126 -4.30 3.03 -6.73
C ASN A 126 -4.65 1.93 -7.76
N LEU A 127 -4.38 0.67 -7.39
CA LEU A 127 -4.29 -0.43 -8.36
C LEU A 127 -5.68 -0.94 -8.67
N ARG A 128 -6.60 -0.99 -7.69
CA ARG A 128 -8.00 -1.33 -8.02
C ARG A 128 -8.51 -0.45 -9.14
N GLU A 129 -8.35 0.86 -8.99
CA GLU A 129 -8.92 1.82 -9.96
C GLU A 129 -8.16 1.83 -11.24
N PHE A 130 -6.85 1.53 -11.18
CA PHE A 130 -6.06 1.42 -12.39
C PHE A 130 -6.61 0.28 -13.27
N LEU A 131 -6.89 -0.88 -12.64
CA LEU A 131 -7.39 -2.04 -13.33
C LEU A 131 -8.84 -1.83 -13.82
N ARG A 132 -9.70 -1.33 -12.93
CA ARG A 132 -11.12 -1.12 -13.27
C ARG A 132 -11.31 -0.17 -14.49
N ALA A 133 -10.56 0.93 -14.49
CA ALA A 133 -10.55 1.87 -15.58
C ALA A 133 -10.11 1.31 -16.90
N ARG A 134 -9.33 0.23 -16.88
CA ARG A 134 -8.79 -0.36 -18.10
C ARG A 134 -9.34 -1.73 -18.44
N ARG A 135 -10.44 -2.09 -17.82
CA ARG A 135 -11.24 -3.28 -18.16
C ARG A 135 -11.68 -3.28 -19.61
N PRO A 136 -11.54 -4.41 -20.31
CA PRO A 136 -12.21 -4.45 -21.62
C PRO A 136 -13.76 -4.53 -21.44
N PRO A 137 -14.51 -4.37 -22.54
CA PRO A 137 -15.98 -4.42 -22.54
C PRO A 137 -16.62 -5.66 -21.95
N GLY A 151 -3.92 -7.69 -25.13
CA GLY A 151 -4.71 -6.53 -24.67
C GLY A 151 -3.99 -5.54 -23.74
N PRO A 152 -4.72 -4.50 -23.26
CA PRO A 152 -4.14 -3.55 -22.28
C PRO A 152 -3.77 -4.16 -20.92
N LEU A 153 -4.69 -4.94 -20.36
CA LEU A 153 -4.47 -5.65 -19.11
C LEU A 153 -4.25 -7.11 -19.45
N SER A 154 -3.18 -7.37 -20.18
CA SER A 154 -2.83 -8.74 -20.55
C SER A 154 -2.28 -9.55 -19.39
N PHE A 155 -2.28 -10.87 -19.56
CA PHE A 155 -1.77 -11.76 -18.56
C PHE A 155 -0.34 -11.34 -18.10
N PRO A 156 0.56 -11.02 -19.03
CA PRO A 156 1.89 -10.58 -18.53
C PRO A 156 1.84 -9.31 -17.67
N VAL A 157 1.00 -8.35 -18.03
CA VAL A 157 0.80 -7.15 -17.23
C VAL A 157 0.28 -7.53 -15.84
N LEU A 158 -0.66 -8.47 -15.77
CA LEU A 158 -1.27 -8.81 -14.48
C LEU A 158 -0.30 -9.53 -13.59
N VAL A 159 0.47 -10.42 -14.20
CA VAL A 159 1.45 -11.17 -13.45
C VAL A 159 2.52 -10.21 -12.95
N SER A 160 2.89 -9.25 -13.78
CA SER A 160 3.86 -8.24 -13.39
C SER A 160 3.38 -7.46 -12.20
N CYS A 161 2.11 -7.04 -12.18
CA CYS A 161 1.60 -6.40 -10.98
C CYS A 161 1.72 -7.29 -9.72
N ALA A 162 1.39 -8.56 -9.90
CA ALA A 162 1.39 -9.53 -8.81
C ALA A 162 2.80 -9.70 -8.29
N TYR A 163 3.75 -9.91 -9.20
CA TYR A 163 5.15 -10.10 -8.89
C TYR A 163 5.75 -8.90 -8.07
N GLN A 164 5.56 -7.72 -8.60
CA GLN A 164 6.05 -6.53 -7.93
C GLN A 164 5.46 -6.34 -6.49
N VAL A 165 4.19 -6.61 -6.31
CA VAL A 165 3.59 -6.47 -4.95
C VAL A 165 4.25 -7.47 -4.06
N ALA A 166 4.51 -8.67 -4.58
CA ALA A 166 5.16 -9.75 -3.79
C ALA A 166 6.58 -9.33 -3.35
N ARG A 167 7.38 -8.78 -4.26
CA ARG A 167 8.72 -8.27 -3.91
C ARG A 167 8.68 -7.20 -2.82
N GLY A 168 7.73 -6.28 -2.94
CA GLY A 168 7.56 -5.26 -1.95
C GLY A 168 7.23 -5.84 -0.61
N MET A 169 6.36 -6.86 -0.59
CA MET A 169 6.05 -7.53 0.70
C MET A 169 7.23 -8.32 1.29
N GLN A 170 7.94 -9.05 0.43
CA GLN A 170 9.16 -9.74 0.86
C GLN A 170 10.04 -8.70 1.52
N TYR A 171 10.21 -7.52 0.92
CA TYR A 171 11.06 -6.49 1.55
C TYR A 171 10.54 -6.09 2.92
N LEU A 172 9.24 -5.78 3.00
CA LEU A 172 8.65 -5.31 4.24
C LEU A 172 8.69 -6.34 5.33
N GLU A 173 8.47 -7.59 4.95
CA GLU A 173 8.60 -8.68 5.91
C GLU A 173 10.04 -8.75 6.42
N SER A 174 11.04 -8.60 5.53
CA SER A 174 12.47 -8.59 5.95
C SER A 174 12.83 -7.45 6.92
N ARG A 175 12.06 -6.36 6.86
CA ARG A 175 12.17 -5.28 7.83
C ARG A 175 11.19 -5.41 8.99
N LYS A 176 10.70 -6.63 9.25
CA LYS A 176 9.88 -6.96 10.45
C LYS A 176 8.57 -6.16 10.48
N CYS A 177 8.12 -5.76 9.30
CA CYS A 177 6.90 -4.98 9.13
C CYS A 177 5.74 -5.88 8.64
N ILE A 178 4.70 -5.97 9.44
CA ILE A 178 3.47 -6.64 9.05
C ILE A 178 2.49 -5.56 8.57
N HIS A 179 2.04 -5.65 7.32
CA HIS A 179 1.16 -4.62 6.74
C HIS A 179 -0.20 -4.55 7.42
N ARG A 180 -0.91 -5.68 7.53
CA ARG A 180 -2.29 -5.79 8.15
C ARG A 180 -3.45 -5.35 7.32
N ASP A 181 -3.19 -4.58 6.28
CA ASP A 181 -4.29 -4.18 5.42
C ASP A 181 -3.88 -4.15 3.95
N LEU A 182 -3.22 -5.23 3.51
CA LEU A 182 -2.79 -5.35 2.12
C LEU A 182 -4.02 -5.63 1.25
N ALA A 183 -4.25 -4.71 0.32
CA ALA A 183 -5.39 -4.74 -0.54
C ALA A 183 -4.95 -3.92 -1.74
N ALA A 184 -5.67 -4.09 -2.85
CA ALA A 184 -5.39 -3.35 -4.09
C ALA A 184 -5.55 -1.82 -3.93
N ARG A 185 -6.56 -1.35 -3.21
CA ARG A 185 -6.68 0.10 -2.92
C ARG A 185 -5.42 0.68 -2.27
N ASN A 186 -4.58 -0.15 -1.65
CA ASN A 186 -3.37 0.28 -0.98
C ASN A 186 -2.09 -0.04 -1.74
N VAL A 187 -2.20 -0.29 -3.05
CA VAL A 187 -1.05 -0.37 -3.90
C VAL A 187 -1.20 0.72 -4.97
N LEU A 188 -0.13 1.51 -5.18
CA LEU A 188 -0.14 2.62 -6.08
C LEU A 188 0.67 2.33 -7.33
N VAL A 189 0.32 3.00 -8.42
CA VAL A 189 0.90 2.73 -9.72
C VAL A 189 1.60 3.97 -10.22
N THR A 190 2.92 3.86 -10.45
CA THR A 190 3.70 4.98 -11.02
C THR A 190 3.45 5.22 -12.53
N GLU A 191 4.02 6.32 -13.02
CA GLU A 191 3.94 6.64 -14.45
C GLU A 191 4.42 5.51 -15.35
N ASP A 192 5.37 4.71 -14.89
CA ASP A 192 5.86 3.58 -15.65
C ASP A 192 5.30 2.26 -15.14
N ASN A 193 4.11 2.25 -14.55
CA ASN A 193 3.49 0.96 -14.11
C ASN A 193 4.27 0.12 -13.11
N VAL A 194 4.95 0.77 -12.21
CA VAL A 194 5.64 0.11 -11.12
C VAL A 194 4.61 0.08 -9.99
N MET A 195 4.60 -1.01 -9.24
CA MET A 195 3.68 -1.16 -8.11
C MET A 195 4.38 -0.63 -6.89
N LYS A 196 3.69 0.15 -6.06
CA LYS A 196 4.29 0.64 -4.81
C LYS A 196 3.30 0.52 -3.65
N ILE A 197 3.65 -0.32 -2.68
CA ILE A 197 2.75 -0.55 -1.56
C ILE A 197 2.71 0.71 -0.69
N ALA A 198 1.51 1.12 -0.29
CA ALA A 198 1.25 2.24 0.60
C ALA A 198 0.61 1.75 1.90
N ASP A 199 0.41 2.65 2.85
CA ASP A 199 -0.26 2.35 4.14
C ASP A 199 0.39 1.25 5.04
N PHE A 200 1.62 0.86 4.71
CA PHE A 200 2.45 -0.03 5.56
C PHE A 200 2.81 0.60 6.90
N GLY A 201 2.90 1.93 6.94
CA GLY A 201 3.21 2.69 8.17
C GLY A 201 2.10 3.07 9.15
N LEU A 202 0.95 2.40 9.08
CA LEU A 202 -0.16 2.63 10.01
C LEU A 202 -0.30 1.43 10.95
N LEU A 220 -14.22 -2.41 2.78
CA LEU A 220 -14.26 -2.87 4.17
C LEU A 220 -13.19 -3.94 4.48
N PRO A 221 -12.13 -3.58 5.27
CA PRO A 221 -10.90 -4.43 5.47
C PRO A 221 -11.15 -5.88 5.83
N VAL A 222 -12.30 -6.16 6.42
CA VAL A 222 -12.69 -7.52 6.85
C VAL A 222 -12.49 -8.59 5.75
N LYS A 223 -12.79 -8.25 4.50
CA LYS A 223 -12.73 -9.18 3.40
C LYS A 223 -11.33 -9.60 2.99
N TRP A 224 -10.33 -8.84 3.47
CA TRP A 224 -8.90 -9.07 3.24
C TRP A 224 -8.20 -9.73 4.45
N MET A 225 -8.93 -9.98 5.55
CA MET A 225 -8.33 -10.54 6.80
C MET A 225 -8.30 -12.06 6.84
N ALA A 226 -7.13 -12.61 7.21
CA ALA A 226 -7.03 -14.06 7.46
C ALA A 226 -7.91 -14.47 8.64
N PRO A 227 -8.37 -15.74 8.67
CA PRO A 227 -9.25 -16.14 9.78
C PRO A 227 -8.68 -15.88 11.16
N GLU A 228 -7.42 -16.23 11.36
CA GLU A 228 -6.76 -16.00 12.64
C GLU A 228 -6.66 -14.52 13.05
N ALA A 229 -6.67 -13.62 12.09
CA ALA A 229 -6.77 -12.21 12.42
C ALA A 229 -8.24 -11.82 12.76
N LEU A 230 -9.20 -12.30 11.97
CA LEU A 230 -10.62 -12.06 12.22
C LEU A 230 -11.01 -12.57 13.59
N PHE A 231 -10.69 -13.82 13.88
CA PHE A 231 -11.16 -14.49 15.07
C PHE A 231 -10.24 -13.97 16.20
N ASP A 232 -8.97 -14.33 16.14
CA ASP A 232 -8.07 -14.17 17.30
C ASP A 232 -7.24 -12.88 17.35
N GLU A 233 -7.48 -11.95 16.41
CA GLU A 233 -6.76 -10.67 16.32
C GLU A 233 -5.24 -10.74 16.18
N VAL A 234 -4.72 -11.92 15.84
CA VAL A 234 -3.29 -12.13 15.68
C VAL A 234 -2.97 -11.75 14.23
N TYR A 235 -1.99 -10.90 14.02
CA TYR A 235 -1.49 -10.62 12.70
C TYR A 235 -0.04 -11.07 12.59
N THR A 236 0.25 -11.83 11.54
CA THR A 236 1.60 -12.34 11.29
C THR A 236 1.91 -12.11 9.84
N HIS A 237 3.15 -12.36 9.47
CA HIS A 237 3.51 -12.33 8.08
C HIS A 237 2.64 -13.30 7.26
N GLN A 238 2.20 -14.38 7.89
CA GLN A 238 1.39 -15.32 7.15
C GLN A 238 -0.08 -14.89 7.00
N SER A 239 -0.59 -14.08 7.92
CA SER A 239 -1.88 -13.42 7.67
C SER A 239 -1.78 -12.39 6.50
N ASP A 240 -0.63 -11.74 6.33
CA ASP A 240 -0.45 -10.89 5.14
C ASP A 240 -0.39 -11.68 3.82
N VAL A 241 0.14 -12.91 3.88
CA VAL A 241 0.06 -13.82 2.74
C VAL A 241 -1.41 -14.13 2.38
N TRP A 242 -2.23 -14.40 3.36
CA TRP A 242 -3.65 -14.58 3.06
C TRP A 242 -4.14 -13.34 2.27
N SER A 243 -3.83 -12.14 2.82
CA SER A 243 -4.29 -10.88 2.26
C SER A 243 -3.81 -10.77 0.86
N PHE A 244 -2.60 -11.23 0.64
CA PHE A 244 -2.05 -11.25 -0.71
C PHE A 244 -2.85 -12.12 -1.69
N GLY A 245 -3.27 -13.28 -1.24
CA GLY A 245 -4.16 -14.09 -2.06
C GLY A 245 -5.38 -13.31 -2.51
N ILE A 246 -5.96 -12.58 -1.60
CA ILE A 246 -7.14 -11.79 -1.94
C ILE A 246 -6.80 -10.73 -2.99
N LEU A 247 -5.68 -10.06 -2.78
CA LEU A 247 -5.16 -9.12 -3.73
C LEU A 247 -4.90 -9.75 -5.09
N LEU A 248 -4.37 -10.97 -5.13
CA LEU A 248 -4.19 -11.66 -6.39
C LEU A 248 -5.50 -11.79 -7.14
N TRP A 249 -6.55 -12.18 -6.40
CA TRP A 249 -7.88 -12.33 -6.93
C TRP A 249 -8.39 -10.99 -7.46
N GLU A 250 -8.20 -9.93 -6.68
CA GLU A 250 -8.48 -8.58 -7.14
C GLU A 250 -7.79 -8.34 -8.44
N ILE A 251 -6.49 -8.64 -8.52
CA ILE A 251 -5.78 -8.42 -9.77
C ILE A 251 -6.46 -9.15 -10.93
N PHE A 252 -6.73 -10.42 -10.75
CA PHE A 252 -7.22 -11.25 -11.87
C PHE A 252 -8.72 -11.08 -12.21
N THR A 253 -9.48 -10.44 -11.33
CA THR A 253 -10.80 -9.96 -11.69
C THR A 253 -10.77 -8.50 -12.15
N LEU A 254 -9.58 -7.96 -12.42
CA LEU A 254 -9.45 -6.58 -12.89
C LEU A 254 -10.11 -5.53 -11.98
N GLY A 255 -9.96 -5.74 -10.67
CA GLY A 255 -10.45 -4.82 -9.67
C GLY A 255 -11.81 -5.18 -9.11
N GLY A 256 -12.13 -6.47 -9.07
CA GLY A 256 -13.39 -6.94 -8.51
C GLY A 256 -13.42 -6.89 -7.02
N SER A 257 -14.63 -6.90 -6.46
CA SER A 257 -14.86 -6.81 -5.02
C SER A 257 -14.92 -8.22 -4.51
N PRO A 258 -14.21 -8.52 -3.42
CA PRO A 258 -14.16 -9.91 -2.97
C PRO A 258 -15.50 -10.39 -2.40
N TYR A 259 -15.69 -11.70 -2.31
CA TYR A 259 -16.95 -12.31 -1.79
C TYR A 259 -18.23 -11.62 -2.27
N PRO A 260 -18.44 -11.55 -3.60
CA PRO A 260 -19.54 -10.73 -4.13
C PRO A 260 -20.88 -11.18 -3.58
N GLY A 261 -21.66 -10.21 -3.10
CA GLY A 261 -22.95 -10.47 -2.49
C GLY A 261 -22.94 -11.23 -1.20
N ILE A 262 -21.84 -11.19 -0.46
CA ILE A 262 -21.78 -11.84 0.83
C ILE A 262 -21.63 -10.79 1.92
N PRO A 263 -22.60 -10.75 2.86
CA PRO A 263 -22.53 -9.72 3.89
C PRO A 263 -21.44 -10.06 4.89
N VAL A 264 -20.61 -9.05 5.18
CA VAL A 264 -19.39 -9.23 6.01
C VAL A 264 -19.63 -9.95 7.36
N GLU A 265 -20.83 -9.81 7.93
CA GLU A 265 -21.27 -10.56 9.13
C GLU A 265 -21.12 -12.09 9.00
N GLU A 266 -21.48 -12.63 7.84
CA GLU A 266 -21.42 -14.10 7.61
C GLU A 266 -20.05 -14.57 7.09
N LEU A 267 -19.18 -13.63 6.76
CA LEU A 267 -17.92 -14.01 6.18
C LEU A 267 -17.14 -14.92 7.14
N PHE A 268 -17.18 -14.56 8.44
CA PHE A 268 -16.55 -15.36 9.51
C PHE A 268 -17.02 -16.83 9.48
N SER A 269 -18.34 -17.07 9.61
CA SER A 269 -18.90 -18.46 9.52
C SER A 269 -18.41 -19.15 8.27
N LEU A 270 -18.59 -18.48 7.13
CA LEU A 270 -18.33 -19.07 5.82
C LEU A 270 -16.94 -19.54 5.62
N LEU A 271 -16.00 -18.69 6.03
CA LEU A 271 -14.56 -18.99 5.98
C LEU A 271 -14.16 -20.16 6.90
N ARG A 272 -14.61 -20.16 8.16
CA ARG A 272 -14.54 -21.36 9.03
C ARG A 272 -15.15 -22.64 8.39
N GLU A 273 -16.27 -22.51 7.68
CA GLU A 273 -16.86 -23.66 7.01
C GLU A 273 -16.12 -24.02 5.74
N GLY A 274 -15.01 -23.32 5.42
CA GLY A 274 -14.16 -23.66 4.27
C GLY A 274 -14.48 -22.97 2.95
N HIS A 275 -15.37 -21.96 2.97
CA HIS A 275 -15.68 -21.19 1.76
C HIS A 275 -14.46 -20.47 1.23
N ARG A 276 -14.23 -20.55 -0.06
CA ARG A 276 -13.18 -19.78 -0.69
C ARG A 276 -13.74 -19.29 -2.02
N MET A 277 -13.17 -18.17 -2.47
CA MET A 277 -13.50 -17.62 -3.76
C MET A 277 -13.00 -18.52 -4.90
N ASP A 278 -13.66 -18.38 -6.04
CA ASP A 278 -13.49 -19.24 -7.22
C ASP A 278 -12.50 -18.58 -8.14
N ARG A 279 -12.17 -19.29 -9.22
CA ARG A 279 -11.15 -18.89 -10.17
C ARG A 279 -11.71 -17.78 -11.02
N PRO A 280 -10.96 -16.64 -11.12
CA PRO A 280 -11.35 -15.60 -12.12
C PRO A 280 -11.18 -16.09 -13.56
N PRO A 281 -12.07 -15.70 -14.51
CA PRO A 281 -11.93 -16.09 -15.92
C PRO A 281 -10.60 -15.63 -16.56
N HIS A 282 -10.10 -14.47 -16.14
CA HIS A 282 -8.76 -14.03 -16.61
C HIS A 282 -7.59 -14.78 -15.94
N CYS A 283 -7.80 -15.98 -15.36
CA CYS A 283 -6.78 -16.63 -14.51
C CYS A 283 -6.51 -18.07 -14.94
N PRO A 284 -5.28 -18.38 -15.38
CA PRO A 284 -4.92 -19.77 -15.60
C PRO A 284 -4.98 -20.55 -14.32
N PRO A 285 -5.34 -21.82 -14.41
CA PRO A 285 -5.41 -22.65 -13.19
C PRO A 285 -4.15 -22.72 -12.29
N GLU A 286 -2.97 -22.52 -12.85
CA GLU A 286 -1.72 -22.57 -12.08
C GLU A 286 -1.65 -21.39 -11.11
N LEU A 287 -2.13 -20.25 -11.56
CA LEU A 287 -2.21 -19.07 -10.73
C LEU A 287 -3.30 -19.19 -9.67
N TYR A 288 -4.48 -19.69 -10.06
CA TYR A 288 -5.55 -19.90 -9.10
C TYR A 288 -5.05 -20.82 -7.97
N GLY A 289 -4.19 -21.77 -8.35
CA GLY A 289 -3.48 -22.63 -7.41
C GLY A 289 -2.70 -21.87 -6.37
N LEU A 290 -1.85 -20.95 -6.79
CA LEU A 290 -1.19 -20.05 -5.82
C LEU A 290 -2.20 -19.32 -4.92
N MET A 291 -3.24 -18.78 -5.54
CA MET A 291 -4.22 -17.99 -4.82
C MET A 291 -4.74 -18.81 -3.65
N ARG A 292 -5.11 -20.07 -3.96
CA ARG A 292 -5.69 -21.00 -2.99
C ARG A 292 -4.74 -21.45 -1.89
N GLU A 293 -3.46 -21.52 -2.21
CA GLU A 293 -2.44 -21.87 -1.25
C GLU A 293 -2.30 -20.74 -0.29
N CYS A 294 -2.39 -19.50 -0.76
CA CYS A 294 -2.46 -18.34 0.15
C CYS A 294 -3.63 -18.34 1.11
N TRP A 295 -4.75 -18.99 0.78
CA TRP A 295 -5.92 -19.12 1.66
C TRP A 295 -6.04 -20.47 2.40
N HIS A 296 -4.93 -21.13 2.59
CA HIS A 296 -4.89 -22.33 3.42
C HIS A 296 -5.24 -21.91 4.86
N ALA A 297 -6.07 -22.73 5.51
CA ALA A 297 -6.55 -22.51 6.90
C ALA A 297 -5.39 -22.55 7.85
N ALA A 298 -4.43 -23.42 7.58
CA ALA A 298 -3.23 -23.54 8.37
C ALA A 298 -2.18 -22.50 7.94
N PRO A 299 -1.86 -21.55 8.81
CA PRO A 299 -0.87 -20.52 8.34
C PRO A 299 0.52 -21.06 7.77
N SER A 300 0.96 -22.20 8.31
CA SER A 300 2.22 -22.78 8.01
C SER A 300 2.24 -23.41 6.64
N GLN A 301 1.06 -23.70 6.07
CA GLN A 301 0.97 -24.29 4.72
C GLN A 301 0.63 -23.25 3.66
N ARG A 302 0.60 -21.97 4.04
CA ARG A 302 0.56 -20.94 3.06
C ARG A 302 2.01 -20.73 2.59
N PRO A 303 2.19 -20.36 1.32
CA PRO A 303 3.55 -20.10 0.88
C PRO A 303 4.09 -18.87 1.60
N THR A 304 5.39 -18.67 1.53
CA THR A 304 5.98 -17.46 2.07
C THR A 304 6.05 -16.45 0.94
N PHE A 305 6.40 -15.20 1.28
CA PHE A 305 6.57 -14.18 0.20
C PHE A 305 7.78 -14.44 -0.72
N LYS A 306 8.86 -14.97 -0.15
CA LYS A 306 9.96 -15.44 -0.96
C LYS A 306 9.50 -16.44 -2.04
N GLN A 307 8.69 -17.40 -1.66
CA GLN A 307 8.18 -18.40 -2.63
C GLN A 307 7.24 -17.79 -3.61
N LEU A 308 6.41 -16.82 -3.16
CA LEU A 308 5.46 -16.16 -4.12
C LEU A 308 6.23 -15.35 -5.15
N VAL A 309 7.31 -14.70 -4.71
CA VAL A 309 8.20 -13.98 -5.61
C VAL A 309 8.78 -14.92 -6.65
N GLU A 310 9.35 -16.05 -6.22
CA GLU A 310 9.96 -17.00 -7.16
C GLU A 310 8.96 -17.67 -8.12
N ALA A 311 7.83 -18.09 -7.61
CA ALA A 311 6.84 -18.60 -8.48
C ALA A 311 6.40 -17.61 -9.54
N LEU A 312 6.15 -16.39 -9.13
CA LEU A 312 5.64 -15.36 -10.05
C LEU A 312 6.68 -14.96 -11.06
N ASP A 313 7.94 -14.87 -10.62
CA ASP A 313 9.10 -14.62 -11.50
C ASP A 313 9.20 -15.68 -12.61
N LYS A 314 9.01 -16.95 -12.27
CA LYS A 314 8.95 -17.97 -13.34
C LYS A 314 7.84 -17.77 -14.32
N VAL A 315 6.66 -17.36 -13.86
CA VAL A 315 5.55 -17.17 -14.79
C VAL A 315 5.85 -16.05 -15.81
N LEU A 316 6.54 -15.00 -15.35
CA LEU A 316 7.07 -13.97 -16.27
C LEU A 316 8.12 -14.47 -17.27
N LEU A 317 9.03 -15.34 -16.82
CA LEU A 317 10.08 -15.88 -17.69
C LEU A 317 9.48 -16.76 -18.79
N ALA A 318 8.53 -17.62 -18.44
CA ALA A 318 7.62 -18.32 -19.41
C ALA A 318 6.95 -17.46 -20.55
N VAL A 319 6.47 -16.25 -20.29
CA VAL A 319 5.82 -15.44 -21.36
C VAL A 319 6.80 -14.84 -22.38
C1 AWX B . -7.67 13.21 2.26
C2 AWX B . -8.24 11.99 2.95
C3 AWX B . -7.22 10.87 2.90
O4 AWX B . -6.21 10.93 3.60
N5 AWX B . -7.48 9.86 2.06
C6 AWX B . -6.61 8.71 1.93
C7 AWX B . -5.51 8.87 0.88
C8 AWX B . -5.05 10.12 0.45
C9 AWX B . -4.07 10.22 -0.49
C10 AWX B . -3.45 9.13 -1.04
C11 AWX B . -3.91 7.87 -0.62
C12 AWX B . -4.93 7.73 0.33
N13 AWX B . -2.51 9.14 -1.99
C14 AWX B . -1.22 9.08 -1.82
C15 AWX B . -0.55 8.97 -3.09
C16 AWX B . -1.71 8.85 -3.99
N17 AWX B . -2.87 8.90 -3.32
C18 AWX B . -1.37 8.71 -5.36
N19 AWX B . -0.11 8.66 -5.80
N20 AWX B . 1.00 8.75 -4.95
C21 AWX B . 0.77 8.91 -3.65
O22 AWX B . -2.29 8.58 -6.12
N23 AWX B . 1.87 8.98 -2.78
C24 AWX B . -0.47 9.29 -0.60
C25 AWX B . -0.16 8.28 0.46
C26 AWX B . 0.61 9.09 1.45
C27 AWX B . 0.68 10.42 0.81
O28 AWX B . 0.05 10.51 -0.38
C29 AWX B . -0.49 6.83 0.65
C30 AWX B . 1.24 8.88 2.68
C31 AWX B . 1.90 9.96 3.25
C32 AWX B . 1.94 11.21 2.66
C33 AWX B . 1.34 11.44 1.45
C34 AWX B . 2.60 9.84 4.57
#